data_5FA7
#
_entry.id   5FA7
#
_cell.length_a   62.730
_cell.length_b   60.270
_cell.length_c   76.010
_cell.angle_alpha   90.00
_cell.angle_beta   112.78
_cell.angle_gamma   90.00
#
_symmetry.space_group_name_H-M   'P 1 21 1'
#
loop_
_entity.id
_entity.type
_entity.pdbx_description
1 polymer Beta-lactamase
2 non-polymer '[[(3~{R},6~{S})-6-(acetamidocarbamoyl)-1-methanoyl-piperidin-3-yl]amino] hydrogen sulfate'
3 water water
#
_entity_poly.entity_id   1
_entity_poly.type   'polypeptide(L)'
_entity_poly.pdbx_seq_one_letter_code
;LYAQTADVQQKLAELERQSGGRLGVALINTADNSQILYRADERFAMCSTSKVMAAAAVLKKSESEPNLLNQRVEIKKSDL
VNYNPIAEKHVNGTMSLAELSAAALQYSDNVAMNKLIAHVGGPASVTAFARQLGDETFRLDRTEPTLNTAIPGDPRDTTS
PRAMAQTLRNLTLGKALGDSQRAQLVTWMKGNTTGAASIQAGLPASWVVGDKTGSGGYGTTNDIAVIWPKDRAPLILVTY
FTQPQPKAESRRDVLASAAKIVTDGL
;
_entity_poly.pdbx_strand_id   A,B
#
loop_
_chem_comp.id
_chem_comp.type
_chem_comp.name
_chem_comp.formula
5VR non-polymer '[[(3~{R},6~{S})-6-(acetamidocarbamoyl)-1-methanoyl-piperidin-3-yl]amino] hydrogen sulfate' 'C9 H16 N4 O7 S'
#
# COMPACT_ATOMS: atom_id res chain seq x y z
N THR A 5 -7.46 -15.79 -13.59
CA THR A 5 -6.92 -14.64 -12.85
C THR A 5 -6.16 -15.00 -11.56
N ALA A 6 -6.34 -16.23 -11.04
CA ALA A 6 -5.59 -16.69 -9.89
C ALA A 6 -4.16 -17.01 -10.38
N ASP A 7 -4.02 -17.44 -11.66
CA ASP A 7 -2.73 -17.78 -12.22
C ASP A 7 -1.87 -16.54 -12.43
N VAL A 8 -2.45 -15.43 -12.94
N VAL A 8 -2.44 -15.42 -12.93
CA VAL A 8 -1.72 -14.17 -13.15
CA VAL A 8 -1.67 -14.19 -13.14
C VAL A 8 -1.18 -13.62 -11.83
C VAL A 8 -1.14 -13.64 -11.81
N GLN A 9 -1.96 -13.70 -10.74
CA GLN A 9 -1.55 -13.23 -9.41
C GLN A 9 -0.39 -14.05 -8.85
N GLN A 10 -0.49 -15.37 -8.96
CA GLN A 10 0.55 -16.29 -8.52
C GLN A 10 1.84 -15.99 -9.30
N LYS A 11 1.72 -15.71 -10.60
CA LYS A 11 2.89 -15.43 -11.41
C LYS A 11 3.59 -14.13 -10.98
N LEU A 12 2.82 -13.09 -10.67
CA LEU A 12 3.38 -11.82 -10.20
C LEU A 12 4.01 -11.99 -8.83
N ALA A 13 3.34 -12.73 -7.92
CA ALA A 13 3.93 -12.98 -6.59
C ALA A 13 5.25 -13.73 -6.70
N GLU A 14 5.34 -14.72 -7.62
CA GLU A 14 6.57 -15.49 -7.80
C GLU A 14 7.66 -14.64 -8.42
N LEU A 15 7.30 -13.77 -9.39
CA LEU A 15 8.25 -12.83 -9.99
C LEU A 15 8.79 -11.90 -8.89
N GLU A 16 7.92 -11.43 -7.99
CA GLU A 16 8.35 -10.57 -6.89
C GLU A 16 9.31 -11.31 -5.93
N ARG A 17 8.96 -12.54 -5.57
CA ARG A 17 9.81 -13.35 -4.67
C ARG A 17 11.19 -13.57 -5.31
N GLN A 18 11.24 -14.03 -6.59
CA GLN A 18 12.53 -14.28 -7.25
C GLN A 18 13.38 -13.00 -7.37
N SER A 19 12.73 -11.82 -7.49
CA SER A 19 13.46 -10.55 -7.65
C SER A 19 14.12 -10.01 -6.39
N GLY A 20 13.64 -10.43 -5.23
CA GLY A 20 14.09 -9.91 -3.95
C GLY A 20 13.58 -8.52 -3.59
N GLY A 21 12.73 -7.91 -4.43
CA GLY A 21 12.26 -6.53 -4.23
C GLY A 21 10.78 -6.40 -3.91
N ARG A 22 10.23 -5.21 -4.15
CA ARG A 22 8.83 -4.88 -3.91
C ARG A 22 8.30 -4.42 -5.28
N LEU A 23 7.32 -5.14 -5.81
CA LEU A 23 6.72 -4.91 -7.14
C LEU A 23 5.30 -4.32 -7.03
N GLY A 24 5.01 -3.28 -7.79
CA GLY A 24 3.69 -2.65 -7.89
C GLY A 24 3.21 -2.70 -9.31
N VAL A 25 2.05 -3.33 -9.57
CA VAL A 25 1.52 -3.41 -10.94
C VAL A 25 0.06 -2.95 -10.95
N ALA A 26 -0.32 -2.15 -11.96
CA ALA A 26 -1.73 -1.86 -12.22
C ALA A 26 -1.91 -1.89 -13.73
N LEU A 27 -2.74 -2.81 -14.20
CA LEU A 27 -3.10 -2.97 -15.60
C LEU A 27 -4.57 -2.65 -15.70
N ILE A 28 -4.95 -1.72 -16.59
CA ILE A 28 -6.34 -1.44 -16.90
C ILE A 28 -6.50 -1.91 -18.34
N ASN A 29 -7.46 -2.82 -18.56
CA ASN A 29 -7.76 -3.30 -19.90
C ASN A 29 -9.06 -2.62 -20.32
N THR A 30 -8.97 -1.65 -21.24
CA THR A 30 -10.14 -0.88 -21.64
C THR A 30 -11.17 -1.77 -22.44
N ALA A 31 -10.77 -2.95 -22.98
CA ALA A 31 -11.66 -3.89 -23.71
C ALA A 31 -12.86 -4.32 -22.91
N ASP A 32 -12.68 -4.56 -21.60
CA ASP A 32 -13.76 -4.97 -20.70
C ASP A 32 -13.73 -4.20 -19.34
N ASN A 33 -12.84 -3.18 -19.19
CA ASN A 33 -12.65 -2.41 -17.96
C ASN A 33 -12.11 -3.25 -16.80
N SER A 34 -11.56 -4.43 -17.11
CA SER A 34 -10.98 -5.25 -16.07
C SER A 34 -9.60 -4.69 -15.66
N GLN A 35 -9.16 -5.09 -14.47
CA GLN A 35 -7.88 -4.65 -13.93
C GLN A 35 -7.11 -5.81 -13.35
N ILE A 36 -5.78 -5.72 -13.40
CA ILE A 36 -4.88 -6.66 -12.73
C ILE A 36 -4.06 -5.76 -11.81
N LEU A 37 -4.15 -6.00 -10.52
CA LEU A 37 -3.54 -5.18 -9.50
C LEU A 37 -2.64 -6.02 -8.62
N TYR A 38 -1.46 -5.50 -8.34
CA TYR A 38 -0.48 -6.16 -7.46
C TYR A 38 0.20 -5.03 -6.68
N ARG A 39 -0.06 -4.93 -5.38
CA ARG A 39 0.40 -3.81 -4.51
C ARG A 39 0.02 -2.45 -5.14
N ALA A 40 -1.11 -2.42 -5.87
CA ALA A 40 -1.52 -1.26 -6.63
C ALA A 40 -1.95 -0.07 -5.77
N ASP A 41 -2.20 -0.28 -4.46
CA ASP A 41 -2.56 0.80 -3.54
C ASP A 41 -1.43 1.15 -2.55
N GLU A 42 -0.24 0.58 -2.74
CA GLU A 42 0.96 0.94 -1.98
C GLU A 42 1.66 2.04 -2.71
N ARG A 43 2.38 2.89 -1.96
CA ARG A 43 3.17 4.00 -2.52
C ARG A 43 4.53 3.52 -2.98
N PHE A 44 5.00 4.11 -4.10
CA PHE A 44 6.34 3.91 -4.63
C PHE A 44 6.84 5.26 -5.10
N ALA A 45 8.17 5.46 -5.07
CA ALA A 45 8.79 6.67 -5.59
C ALA A 45 8.67 6.64 -7.11
N MET A 46 8.08 7.70 -7.67
CA MET A 46 7.85 7.79 -9.12
C MET A 46 9.12 7.93 -9.92
N CYS A 47 10.12 8.62 -9.36
CA CYS A 47 11.33 8.96 -10.07
C CYS A 47 10.94 9.70 -11.39
N SER A 48 11.64 9.48 -12.51
CA SER A 48 11.34 10.19 -13.76
C SER A 48 9.97 9.93 -14.35
N THR A 49 9.15 8.98 -13.83
CA THR A 49 7.79 8.78 -14.35
C THR A 49 6.86 9.94 -13.99
N SER A 50 7.26 10.76 -13.02
CA SER A 50 6.55 11.96 -12.60
C SER A 50 6.57 13.04 -13.72
N LYS A 51 7.45 12.87 -14.73
CA LYS A 51 7.59 13.82 -15.83
C LYS A 51 6.33 13.92 -16.68
N VAL A 52 5.54 12.84 -16.73
CA VAL A 52 4.27 12.84 -17.42
C VAL A 52 3.33 13.87 -16.79
N MET A 53 3.22 13.88 -15.44
CA MET A 53 2.34 14.83 -14.79
C MET A 53 2.83 16.27 -14.99
N ALA A 54 4.15 16.54 -14.95
CA ALA A 54 4.66 17.90 -15.12
C ALA A 54 4.37 18.37 -16.56
N ALA A 55 4.57 17.50 -17.58
CA ALA A 55 4.32 17.90 -18.98
C ALA A 55 2.82 18.15 -19.18
N ALA A 56 2.00 17.31 -18.54
CA ALA A 56 0.55 17.43 -18.66
C ALA A 56 0.04 18.74 -18.02
N ALA A 57 0.67 19.17 -16.92
CA ALA A 57 0.31 20.41 -16.23
C ALA A 57 0.53 21.60 -17.16
N VAL A 58 1.66 21.59 -17.88
CA VAL A 58 2.00 22.63 -18.86
C VAL A 58 1.00 22.54 -20.01
N LEU A 59 0.66 21.33 -20.44
CA LEU A 59 -0.37 21.18 -21.48
C LEU A 59 -1.70 21.76 -21.04
N LYS A 60 -2.11 21.51 -19.81
CA LYS A 60 -3.36 22.07 -19.25
C LYS A 60 -3.30 23.61 -19.24
N LYS A 61 -2.16 24.18 -18.82
CA LYS A 61 -1.94 25.62 -18.80
C LYS A 61 -2.10 26.25 -20.21
N SER A 62 -1.58 25.56 -21.25
CA SER A 62 -1.64 25.98 -22.64
C SER A 62 -3.08 26.07 -23.19
N GLU A 63 -4.03 25.34 -22.61
CA GLU A 63 -5.43 25.43 -23.03
C GLU A 63 -6.02 26.84 -22.82
N SER A 64 -5.54 27.60 -21.81
CA SER A 64 -6.04 28.96 -21.53
C SER A 64 -5.02 30.05 -21.88
N GLU A 65 -3.85 29.70 -22.41
CA GLU A 65 -2.78 30.62 -22.75
C GLU A 65 -2.29 30.29 -24.16
N PRO A 66 -2.96 30.79 -25.21
CA PRO A 66 -2.52 30.47 -26.58
C PRO A 66 -1.03 30.71 -26.79
N ASN A 67 -0.38 29.82 -27.58
CA ASN A 67 1.05 29.87 -27.90
C ASN A 67 1.98 29.67 -26.72
N LEU A 68 1.47 29.14 -25.57
CA LEU A 68 2.37 28.93 -24.43
C LEU A 68 3.48 27.96 -24.78
N LEU A 69 3.18 26.92 -25.57
CA LEU A 69 4.21 25.92 -25.90
C LEU A 69 5.37 26.50 -26.71
N ASN A 70 5.15 27.66 -27.38
CA ASN A 70 6.18 28.35 -28.16
C ASN A 70 7.04 29.31 -27.33
N GLN A 71 6.68 29.56 -26.05
CA GLN A 71 7.43 30.40 -25.12
C GLN A 71 8.81 29.80 -24.93
N ARG A 72 9.83 30.65 -24.91
CA ARG A 72 11.24 30.28 -24.85
C ARG A 72 11.77 30.35 -23.42
N VAL A 73 12.68 29.44 -23.09
CA VAL A 73 13.30 29.32 -21.77
C VAL A 73 14.81 29.27 -21.97
N GLU A 74 15.57 30.12 -21.29
CA GLU A 74 17.04 30.06 -21.43
C GLU A 74 17.60 28.89 -20.67
N ILE A 75 18.60 28.18 -21.26
CA ILE A 75 19.31 27.10 -20.58
C ILE A 75 20.69 27.69 -20.26
N LYS A 76 21.06 27.71 -18.99
CA LYS A 76 22.37 28.16 -18.51
C LYS A 76 23.18 26.96 -18.04
N LYS A 77 24.50 27.07 -18.10
CA LYS A 77 25.40 26.02 -17.60
C LYS A 77 25.08 25.69 -16.13
N SER A 78 24.70 26.71 -15.32
CA SER A 78 24.34 26.55 -13.90
C SER A 78 23.06 25.73 -13.66
N ASP A 79 22.19 25.61 -14.67
CA ASP A 79 20.97 24.81 -14.58
C ASP A 79 21.28 23.31 -14.71
N LEU A 80 22.42 22.95 -15.31
CA LEU A 80 22.75 21.55 -15.55
C LEU A 80 22.84 20.76 -14.27
N VAL A 81 22.29 19.53 -14.30
CA VAL A 81 22.27 18.62 -13.16
C VAL A 81 22.97 17.31 -13.56
N ASN A 82 22.50 16.15 -13.06
CA ASN A 82 23.14 14.84 -13.30
C ASN A 82 22.88 14.19 -14.66
N TYR A 83 21.78 14.51 -15.35
CA TYR A 83 21.44 13.89 -16.62
C TYR A 83 20.64 14.86 -17.48
N ASN A 84 21.32 15.43 -18.50
CA ASN A 84 20.76 16.48 -19.36
C ASN A 84 21.20 16.27 -20.80
N PRO A 85 20.82 15.14 -21.41
CA PRO A 85 21.28 14.86 -22.81
C PRO A 85 20.88 15.87 -23.87
N ILE A 86 19.73 16.58 -23.69
CA ILE A 86 19.27 17.58 -24.65
C ILE A 86 19.67 18.97 -24.22
N ALA A 87 19.39 19.36 -22.97
CA ALA A 87 19.69 20.69 -22.41
C ALA A 87 21.16 21.03 -22.53
N GLU A 88 22.05 20.06 -22.39
CA GLU A 88 23.49 20.34 -22.48
C GLU A 88 23.90 20.78 -23.87
N LYS A 89 23.07 20.48 -24.89
CA LYS A 89 23.34 20.91 -26.27
C LYS A 89 22.80 22.32 -26.55
N HIS A 90 22.11 22.97 -25.58
CA HIS A 90 21.49 24.28 -25.73
C HIS A 90 21.96 25.28 -24.67
N VAL A 91 23.14 25.04 -24.08
CA VAL A 91 23.65 25.95 -23.04
C VAL A 91 23.91 27.35 -23.69
N ASN A 92 23.35 28.39 -23.08
CA ASN A 92 23.38 29.78 -23.60
C ASN A 92 22.50 29.97 -24.83
N GLY A 93 21.53 29.08 -24.98
CA GLY A 93 20.51 29.12 -26.01
C GLY A 93 19.17 29.00 -25.32
N THR A 94 18.11 28.88 -26.07
CA THR A 94 16.78 28.73 -25.48
C THR A 94 16.12 27.48 -26.05
N MET A 95 15.12 27.00 -25.32
CA MET A 95 14.31 25.89 -25.78
C MET A 95 12.89 26.32 -25.54
N SER A 96 11.97 25.93 -26.42
CA SER A 96 10.58 26.25 -26.22
C SER A 96 9.98 25.29 -25.14
N LEU A 97 8.82 25.60 -24.58
CA LEU A 97 8.16 24.70 -23.64
C LEU A 97 7.81 23.37 -24.32
N ALA A 98 7.49 23.39 -25.63
CA ALA A 98 7.22 22.16 -26.39
C ALA A 98 8.51 21.31 -26.43
N GLU A 99 9.66 21.95 -26.72
CA GLU A 99 10.93 21.23 -26.79
C GLU A 99 11.34 20.68 -25.45
N LEU A 100 11.05 21.43 -24.37
CA LEU A 100 11.37 20.97 -23.02
C LEU A 100 10.49 19.78 -22.65
N SER A 101 9.21 19.84 -23.03
CA SER A 101 8.29 18.72 -22.76
C SER A 101 8.76 17.47 -23.50
N ALA A 102 9.07 17.60 -24.80
CA ALA A 102 9.58 16.49 -25.60
C ALA A 102 10.90 15.93 -25.00
N ALA A 103 11.84 16.80 -24.59
CA ALA A 103 13.12 16.36 -24.00
C ALA A 103 12.87 15.62 -22.70
N ALA A 104 11.98 16.16 -21.84
CA ALA A 104 11.65 15.49 -20.55
C ALA A 104 11.03 14.11 -20.77
N LEU A 105 10.07 14.02 -21.70
CA LEU A 105 9.36 12.77 -21.95
C LEU A 105 10.09 11.75 -22.79
N GLN A 106 10.87 12.20 -23.82
CA GLN A 106 11.50 11.29 -24.78
C GLN A 106 12.92 10.91 -24.49
N TYR A 107 13.64 11.77 -23.77
CA TYR A 107 15.01 11.51 -23.38
C TYR A 107 15.20 11.51 -21.88
N SER A 108 14.16 11.83 -21.10
CA SER A 108 14.26 11.92 -19.65
C SER A 108 15.33 12.94 -19.23
N ASP A 109 15.30 14.11 -19.87
CA ASP A 109 16.20 15.20 -19.53
C ASP A 109 15.75 15.83 -18.21
N ASN A 110 16.61 15.83 -17.19
CA ASN A 110 16.25 16.37 -15.87
C ASN A 110 16.16 17.91 -15.84
N VAL A 111 16.96 18.58 -16.64
CA VAL A 111 16.91 20.05 -16.71
C VAL A 111 15.54 20.42 -17.31
N ALA A 112 15.11 19.72 -18.37
CA ALA A 112 13.82 19.94 -19.01
C ALA A 112 12.67 19.78 -17.98
N MET A 113 12.71 18.70 -17.18
CA MET A 113 11.72 18.52 -16.10
C MET A 113 11.76 19.71 -15.11
N ASN A 114 12.94 20.12 -14.66
CA ASN A 114 13.02 21.23 -13.71
C ASN A 114 12.47 22.52 -14.30
N LYS A 115 12.67 22.79 -15.61
CA LYS A 115 12.04 23.95 -16.27
C LYS A 115 10.52 23.80 -16.26
N LEU A 116 10.01 22.59 -16.49
CA LEU A 116 8.54 22.38 -16.46
C LEU A 116 7.96 22.64 -15.06
N ILE A 117 8.62 22.11 -14.03
CA ILE A 117 8.18 22.28 -12.64
C ILE A 117 8.21 23.77 -12.31
N ALA A 118 9.32 24.43 -12.63
CA ALA A 118 9.42 25.87 -12.40
C ALA A 118 8.35 26.66 -13.13
N HIS A 119 8.07 26.32 -14.38
CA HIS A 119 7.08 27.03 -15.16
C HIS A 119 5.70 27.08 -14.50
N VAL A 120 5.25 25.95 -13.94
CA VAL A 120 3.94 25.89 -13.27
C VAL A 120 3.92 26.40 -11.81
N GLY A 121 5.05 26.80 -11.25
CA GLY A 121 5.12 27.36 -9.90
C GLY A 121 5.76 26.49 -8.84
N GLY A 122 6.32 25.33 -9.24
CA GLY A 122 7.02 24.44 -8.34
C GLY A 122 6.36 23.09 -8.13
N PRO A 123 6.98 22.21 -7.34
CA PRO A 123 6.40 20.87 -7.11
C PRO A 123 4.95 20.81 -6.59
N ALA A 124 4.59 21.66 -5.62
CA ALA A 124 3.21 21.71 -5.11
C ALA A 124 2.21 22.11 -6.19
N SER A 125 2.65 22.85 -7.21
CA SER A 125 1.76 23.24 -8.31
C SER A 125 1.47 22.04 -9.21
N VAL A 126 2.45 21.13 -9.39
CA VAL A 126 2.28 19.92 -10.16
C VAL A 126 1.29 19.04 -9.36
N THR A 127 1.47 18.95 -8.04
CA THR A 127 0.54 18.20 -7.19
C THR A 127 -0.90 18.75 -7.31
N ALA A 128 -1.04 20.07 -7.31
CA ALA A 128 -2.35 20.71 -7.45
C ALA A 128 -3.01 20.35 -8.78
N PHE A 129 -2.23 20.28 -9.88
CA PHE A 129 -2.78 19.85 -11.15
C PHE A 129 -3.29 18.40 -11.04
N ALA A 130 -2.53 17.50 -10.36
CA ALA A 130 -2.97 16.10 -10.15
C ALA A 130 -4.32 16.08 -9.41
N ARG A 131 -4.46 16.91 -8.37
CA ARG A 131 -5.73 17.00 -7.61
C ARG A 131 -6.88 17.48 -8.49
N GLN A 132 -6.61 18.40 -9.40
CA GLN A 132 -7.63 18.90 -10.31
C GLN A 132 -8.15 17.81 -11.26
N LEU A 133 -7.35 16.76 -11.48
CA LEU A 133 -7.75 15.63 -12.31
C LEU A 133 -8.47 14.54 -11.51
N GLY A 134 -8.62 14.74 -10.19
CA GLY A 134 -9.19 13.73 -9.30
C GLY A 134 -8.20 12.74 -8.72
N ASP A 135 -6.87 12.98 -8.91
CA ASP A 135 -5.82 12.13 -8.38
C ASP A 135 -5.49 12.66 -6.97
N GLU A 136 -5.90 11.94 -5.93
CA GLU A 136 -5.66 12.34 -4.54
C GLU A 136 -4.40 11.71 -3.95
N THR A 137 -3.68 10.89 -4.72
CA THR A 137 -2.57 10.12 -4.21
C THR A 137 -1.23 10.72 -4.63
N PHE A 138 -1.10 11.13 -5.89
CA PHE A 138 0.14 11.69 -6.42
C PHE A 138 0.65 12.82 -5.53
N ARG A 139 1.96 12.89 -5.31
CA ARG A 139 2.54 14.06 -4.68
C ARG A 139 3.92 14.32 -5.23
N LEU A 140 4.18 15.58 -5.64
CA LEU A 140 5.51 16.00 -6.04
C LEU A 140 6.02 16.98 -4.98
N ASP A 141 7.17 16.68 -4.40
CA ASP A 141 7.80 17.44 -3.33
C ASP A 141 9.10 18.11 -3.71
N ARG A 142 9.87 17.50 -4.61
CA ARG A 142 11.18 18.00 -4.94
C ARG A 142 11.40 18.10 -6.45
N THR A 143 12.53 18.71 -6.86
CA THR A 143 12.93 18.82 -8.24
C THR A 143 13.90 17.69 -8.56
N GLU A 144 14.36 17.64 -9.81
CA GLU A 144 15.33 16.63 -10.24
C GLU A 144 16.73 17.04 -9.82
N PRO A 145 17.60 16.09 -9.40
CA PRO A 145 17.40 14.64 -9.24
C PRO A 145 17.01 14.18 -7.83
N THR A 146 16.91 15.08 -6.81
CA THR A 146 16.61 14.62 -5.45
C THR A 146 15.24 13.95 -5.33
N LEU A 147 14.28 14.24 -6.24
CA LEU A 147 12.98 13.57 -6.22
C LEU A 147 13.09 12.04 -6.43
N ASN A 148 14.25 11.56 -6.91
CA ASN A 148 14.53 10.15 -7.15
C ASN A 148 15.22 9.40 -5.98
N THR A 149 15.35 9.98 -4.79
CA THR A 149 16.07 9.24 -3.70
C THR A 149 15.43 7.89 -3.36
N ALA A 150 14.08 7.83 -3.37
CA ALA A 150 13.33 6.58 -3.20
C ALA A 150 13.68 5.83 -1.89
N ILE A 151 13.77 6.57 -0.79
CA ILE A 151 14.10 6.02 0.52
C ILE A 151 12.88 5.21 0.99
N PRO A 152 13.06 3.95 1.42
CA PRO A 152 11.90 3.20 1.94
C PRO A 152 11.20 3.92 3.11
N GLY A 153 9.89 4.04 3.02
CA GLY A 153 9.09 4.69 4.04
C GLY A 153 8.93 6.19 3.91
N ASP A 154 9.68 6.82 2.98
CA ASP A 154 9.58 8.25 2.70
C ASP A 154 8.44 8.47 1.70
N PRO A 155 7.38 9.23 2.06
CA PRO A 155 6.28 9.45 1.09
C PRO A 155 6.53 10.52 0.04
N ARG A 156 7.65 11.27 0.11
CA ARG A 156 7.89 12.32 -0.85
C ARG A 156 7.98 11.76 -2.26
N ASP A 157 7.39 12.47 -3.23
CA ASP A 157 7.50 12.10 -4.64
C ASP A 157 7.03 10.70 -4.96
N THR A 158 5.94 10.27 -4.32
CA THR A 158 5.37 8.97 -4.54
C THR A 158 3.96 9.05 -5.12
N THR A 159 3.51 7.91 -5.64
CA THR A 159 2.11 7.68 -5.99
C THR A 159 1.88 6.18 -5.89
N SER A 160 0.68 5.73 -6.18
CA SER A 160 0.38 4.30 -6.18
C SER A 160 0.18 3.83 -7.64
N PRO A 161 0.42 2.57 -7.97
CA PRO A 161 0.19 2.13 -9.36
C PRO A 161 -1.26 2.34 -9.81
N ARG A 162 -2.22 2.12 -8.91
CA ARG A 162 -3.63 2.30 -9.25
C ARG A 162 -3.89 3.75 -9.64
N ALA A 163 -3.40 4.68 -8.81
CA ALA A 163 -3.62 6.11 -9.03
C ALA A 163 -3.00 6.59 -10.29
N MET A 164 -1.78 6.15 -10.55
CA MET A 164 -1.09 6.58 -11.75
C MET A 164 -1.69 5.97 -12.98
N ALA A 165 -2.18 4.72 -12.91
CA ALA A 165 -2.82 4.12 -14.08
C ALA A 165 -4.14 4.84 -14.40
N GLN A 166 -4.92 5.14 -13.41
CA GLN A 166 -6.18 5.86 -13.67
C GLN A 166 -5.92 7.26 -14.26
N THR A 167 -4.95 7.94 -13.70
CA THR A 167 -4.58 9.25 -14.22
C THR A 167 -4.06 9.16 -15.62
N LEU A 168 -3.17 8.20 -15.90
CA LEU A 168 -2.65 8.08 -17.23
C LEU A 168 -3.78 7.81 -18.25
N ARG A 169 -4.77 7.00 -17.86
CA ARG A 169 -5.94 6.74 -18.69
C ARG A 169 -6.71 8.05 -18.92
N ASN A 170 -6.97 8.82 -17.83
CA ASN A 170 -7.68 10.10 -17.95
C ASN A 170 -6.94 11.08 -18.87
N LEU A 171 -5.61 11.08 -18.80
CA LEU A 171 -4.78 12.00 -19.59
C LEU A 171 -4.71 11.66 -21.08
N THR A 172 -4.47 10.39 -21.40
CA THR A 172 -4.19 9.93 -22.77
C THR A 172 -5.43 9.52 -23.55
N LEU A 173 -6.45 8.96 -22.87
CA LEU A 173 -7.66 8.46 -23.50
C LEU A 173 -8.91 9.26 -23.11
N GLY A 174 -8.93 9.79 -21.89
CA GLY A 174 -10.06 10.53 -21.35
C GLY A 174 -10.05 12.01 -21.64
N LYS A 175 -10.75 12.76 -20.79
CA LYS A 175 -10.99 14.17 -20.98
C LYS A 175 -10.27 15.06 -19.97
N ALA A 176 -9.16 14.57 -19.35
CA ALA A 176 -8.39 15.41 -18.42
C ALA A 176 -7.77 16.62 -19.16
N LEU A 177 -7.41 16.43 -20.45
CA LEU A 177 -6.86 17.47 -21.32
C LEU A 177 -7.79 17.77 -22.49
N GLY A 178 -7.59 18.93 -23.13
CA GLY A 178 -8.33 19.31 -24.32
C GLY A 178 -7.88 18.38 -25.43
N ASP A 179 -8.70 18.17 -26.47
CA ASP A 179 -8.36 17.20 -27.54
C ASP A 179 -6.94 17.32 -28.13
N SER A 180 -6.56 18.53 -28.50
CA SER A 180 -5.24 18.81 -29.10
C SER A 180 -4.10 18.47 -28.13
N GLN A 181 -4.30 18.81 -26.87
CA GLN A 181 -3.31 18.58 -25.82
C GLN A 181 -3.14 17.09 -25.55
N ARG A 182 -4.25 16.35 -25.50
CA ARG A 182 -4.25 14.89 -25.32
C ARG A 182 -3.44 14.24 -26.47
N ALA A 183 -3.76 14.63 -27.69
CA ALA A 183 -3.05 14.11 -28.87
C ALA A 183 -1.57 14.45 -28.77
N GLN A 184 -1.21 15.66 -28.29
CA GLN A 184 0.19 16.05 -28.17
C GLN A 184 0.90 15.15 -27.12
N LEU A 185 0.28 14.94 -25.97
CA LEU A 185 0.88 14.07 -24.92
C LEU A 185 1.10 12.67 -25.47
N VAL A 186 0.10 12.14 -26.18
CA VAL A 186 0.18 10.80 -26.77
C VAL A 186 1.36 10.76 -27.78
N THR A 187 1.46 11.75 -28.66
CA THR A 187 2.56 11.83 -29.63
C THR A 187 3.90 11.84 -28.91
N TRP A 188 4.03 12.65 -27.85
CA TRP A 188 5.30 12.72 -27.11
C TRP A 188 5.67 11.37 -26.49
N MET A 189 4.72 10.71 -25.78
CA MET A 189 4.98 9.40 -25.17
C MET A 189 5.29 8.34 -26.21
N LYS A 190 4.62 8.34 -27.36
CA LYS A 190 4.92 7.36 -28.44
C LYS A 190 6.33 7.53 -28.98
N GLY A 191 6.88 8.73 -28.88
CA GLY A 191 8.22 9.04 -29.35
C GLY A 191 9.31 8.80 -28.31
N ASN A 192 8.97 8.18 -27.16
CA ASN A 192 9.96 7.92 -26.18
C ASN A 192 11.11 7.05 -26.72
N THR A 193 12.36 7.37 -26.32
CA THR A 193 13.54 6.64 -26.75
C THR A 193 14.15 5.76 -25.67
N THR A 194 13.67 5.86 -24.42
CA THR A 194 14.28 5.17 -23.27
C THR A 194 13.58 3.87 -22.81
N GLY A 195 12.51 3.43 -23.47
CA GLY A 195 11.72 2.32 -22.96
C GLY A 195 11.89 0.95 -23.56
N ALA A 196 12.84 0.73 -24.49
CA ALA A 196 12.93 -0.57 -25.14
C ALA A 196 13.17 -1.78 -24.23
N ALA A 197 13.80 -1.59 -23.08
CA ALA A 197 14.12 -2.69 -22.17
C ALA A 197 13.16 -2.86 -21.00
N SER A 198 12.10 -2.02 -20.92
CA SER A 198 11.17 -2.06 -19.82
C SER A 198 9.82 -2.64 -20.28
N ILE A 199 8.67 -1.98 -20.10
CA ILE A 199 7.40 -2.61 -20.49
C ILE A 199 7.44 -3.15 -21.91
N GLN A 200 7.92 -2.35 -22.85
CA GLN A 200 8.00 -2.74 -24.26
C GLN A 200 8.69 -4.09 -24.49
N ALA A 201 9.73 -4.43 -23.71
CA ALA A 201 10.43 -5.72 -23.87
C ALA A 201 9.59 -6.94 -23.51
N GLY A 202 8.46 -6.75 -22.80
CA GLY A 202 7.53 -7.83 -22.45
C GLY A 202 6.35 -7.97 -23.39
N LEU A 203 6.27 -7.12 -24.42
CA LEU A 203 5.13 -7.07 -25.33
C LEU A 203 5.50 -7.48 -26.73
N PRO A 204 4.50 -7.90 -27.55
CA PRO A 204 4.79 -8.13 -28.97
C PRO A 204 5.38 -6.88 -29.60
N ALA A 205 6.38 -7.06 -30.46
CA ALA A 205 7.12 -5.93 -31.02
C ALA A 205 6.31 -4.94 -31.81
N SER A 206 5.20 -5.38 -32.46
CA SER A 206 4.41 -4.54 -33.34
C SER A 206 3.42 -3.62 -32.66
N TRP A 207 3.19 -3.82 -31.34
CA TRP A 207 2.25 -3.04 -30.58
C TRP A 207 2.75 -1.60 -30.45
N VAL A 208 1.84 -0.63 -30.66
CA VAL A 208 2.15 0.79 -30.51
C VAL A 208 2.16 1.09 -28.99
N VAL A 209 3.25 1.68 -28.51
CA VAL A 209 3.40 1.97 -27.09
C VAL A 209 3.90 3.36 -26.88
N GLY A 210 3.27 4.04 -25.94
CA GLY A 210 3.74 5.31 -25.40
C GLY A 210 4.10 5.08 -23.96
N ASP A 211 5.35 5.32 -23.55
CA ASP A 211 5.71 5.10 -22.14
C ASP A 211 6.65 6.10 -21.60
N LYS A 212 6.79 6.10 -20.27
CA LYS A 212 7.74 6.92 -19.53
C LYS A 212 8.39 6.08 -18.45
N THR A 213 9.70 5.91 -18.55
CA THR A 213 10.50 5.15 -17.61
C THR A 213 10.99 6.03 -16.46
N GLY A 214 11.57 5.39 -15.46
CA GLY A 214 12.27 6.10 -14.40
C GLY A 214 13.10 5.18 -13.56
N SER A 215 14.08 5.73 -12.84
CA SER A 215 14.94 4.95 -11.97
C SER A 215 15.44 5.81 -10.85
N GLY A 216 15.78 5.23 -9.73
CA GLY A 216 16.29 6.02 -8.61
C GLY A 216 17.08 5.17 -7.64
N GLY A 217 17.22 5.68 -6.43
CA GLY A 217 17.89 4.97 -5.34
C GLY A 217 17.17 3.69 -4.97
N TYR A 218 17.84 2.82 -4.20
CA TYR A 218 17.27 1.53 -3.81
C TYR A 218 16.87 0.65 -5.03
N GLY A 219 17.63 0.80 -6.11
CA GLY A 219 17.39 0.07 -7.34
C GLY A 219 16.00 0.29 -7.93
N THR A 220 15.39 1.47 -7.64
CA THR A 220 14.03 1.77 -8.10
C THR A 220 14.02 1.77 -9.62
N THR A 221 13.11 1.00 -10.25
CA THR A 221 13.06 0.82 -11.72
C THR A 221 11.59 0.86 -12.06
N ASN A 222 11.15 1.85 -12.83
CA ASN A 222 9.73 2.08 -13.10
C ASN A 222 9.45 2.31 -14.57
N ASP A 223 8.19 2.12 -14.92
CA ASP A 223 7.71 2.43 -16.24
C ASP A 223 6.18 2.56 -16.18
N ILE A 224 5.64 3.52 -16.92
CA ILE A 224 4.19 3.72 -17.05
C ILE A 224 3.88 3.81 -18.52
N ALA A 225 2.85 3.08 -18.96
CA ALA A 225 2.60 3.04 -20.38
C ALA A 225 1.16 2.97 -20.81
N VAL A 226 0.90 3.48 -22.02
N VAL A 226 0.89 3.52 -22.01
CA VAL A 226 -0.40 3.35 -22.69
CA VAL A 226 -0.37 3.31 -22.71
C VAL A 226 -0.07 2.51 -23.94
C VAL A 226 0.02 2.42 -23.88
N ILE A 227 -0.71 1.33 -24.03
CA ILE A 227 -0.44 0.30 -25.03
C ILE A 227 -1.61 0.19 -25.98
N TRP A 228 -1.34 0.28 -27.30
CA TRP A 228 -2.38 0.21 -28.33
C TRP A 228 -2.09 -0.91 -29.31
N PRO A 229 -2.49 -2.17 -29.02
CA PRO A 229 -2.29 -3.23 -30.02
C PRO A 229 -3.20 -2.96 -31.21
N LYS A 230 -2.71 -3.28 -32.41
CA LYS A 230 -3.49 -3.10 -33.61
C LYS A 230 -4.80 -3.86 -33.50
N ASP A 231 -5.88 -3.20 -33.87
CA ASP A 231 -7.23 -3.75 -33.89
C ASP A 231 -7.73 -4.22 -32.52
N ARG A 232 -7.26 -3.59 -31.46
CA ARG A 232 -7.67 -3.92 -30.10
C ARG A 232 -7.99 -2.67 -29.31
N ALA A 233 -8.48 -2.85 -28.09
CA ALA A 233 -8.73 -1.74 -27.18
C ALA A 233 -7.42 -1.49 -26.43
N PRO A 234 -7.10 -0.23 -26.07
CA PRO A 234 -5.83 0.02 -25.39
C PRO A 234 -5.76 -0.49 -23.97
N LEU A 235 -4.54 -0.60 -23.47
CA LEU A 235 -4.29 -1.01 -22.09
C LEU A 235 -3.45 0.06 -21.46
N ILE A 236 -3.62 0.27 -20.16
CA ILE A 236 -2.81 1.21 -19.39
C ILE A 236 -2.04 0.32 -18.41
N LEU A 237 -0.71 0.49 -18.35
CA LEU A 237 0.08 -0.36 -17.46
C LEU A 237 1.09 0.44 -16.69
N VAL A 238 1.08 0.29 -15.35
CA VAL A 238 2.08 0.89 -14.49
C VAL A 238 2.84 -0.26 -13.84
N THR A 239 4.17 -0.22 -13.94
CA THR A 239 5.05 -1.22 -13.28
C THR A 239 6.10 -0.45 -12.49
N TYR A 240 6.01 -0.49 -11.14
CA TYR A 240 6.96 0.16 -10.25
C TYR A 240 7.67 -0.93 -9.47
N PHE A 241 8.95 -0.75 -9.20
CA PHE A 241 9.75 -1.78 -8.53
C PHE A 241 10.82 -1.15 -7.75
N THR A 242 11.10 -1.66 -6.54
CA THR A 242 12.11 -1.11 -5.65
C THR A 242 12.70 -2.22 -4.83
N GLN A 243 13.91 -1.98 -4.36
CA GLN A 243 14.69 -3.02 -3.73
C GLN A 243 15.22 -2.61 -2.34
N PRO A 244 15.68 -3.59 -1.53
CA PRO A 244 16.10 -3.27 -0.15
C PRO A 244 17.41 -2.52 0.03
N GLN A 245 18.35 -2.72 -0.92
CA GLN A 245 19.69 -2.20 -0.84
C GLN A 245 19.80 -0.84 -1.48
N PRO A 246 20.33 0.17 -0.78
CA PRO A 246 20.44 1.53 -1.35
C PRO A 246 21.12 1.64 -2.71
N LYS A 247 22.19 0.87 -2.94
CA LYS A 247 22.91 0.94 -4.21
C LYS A 247 22.60 -0.28 -5.11
N ALA A 248 21.39 -0.84 -5.02
CA ALA A 248 21.01 -1.97 -5.86
C ALA A 248 20.99 -1.49 -7.31
N GLU A 249 21.30 -2.38 -8.24
CA GLU A 249 21.31 -2.06 -9.67
C GLU A 249 19.86 -2.15 -10.20
N SER A 250 19.57 -1.50 -11.32
CA SER A 250 18.23 -1.49 -11.88
C SER A 250 17.77 -2.89 -12.29
N ARG A 251 16.46 -3.10 -12.39
CA ARG A 251 15.83 -4.36 -12.77
C ARG A 251 14.74 -4.10 -13.84
N ARG A 252 15.14 -3.60 -15.03
CA ARG A 252 14.18 -3.35 -16.11
C ARG A 252 13.55 -4.66 -16.56
N ASP A 253 14.29 -5.78 -16.44
CA ASP A 253 13.79 -7.12 -16.78
C ASP A 253 12.57 -7.55 -15.95
N VAL A 254 12.46 -7.09 -14.70
CA VAL A 254 11.31 -7.37 -13.86
C VAL A 254 10.06 -6.68 -14.45
N LEU A 255 10.19 -5.42 -14.90
CA LEU A 255 9.08 -4.66 -15.53
C LEU A 255 8.60 -5.38 -16.83
N ALA A 256 9.57 -5.84 -17.66
CA ALA A 256 9.29 -6.60 -18.90
C ALA A 256 8.57 -7.90 -18.57
N SER A 257 9.03 -8.61 -17.56
CA SER A 257 8.39 -9.87 -17.13
C SER A 257 6.96 -9.61 -16.64
N ALA A 258 6.78 -8.58 -15.81
CA ALA A 258 5.45 -8.23 -15.34
C ALA A 258 4.54 -7.86 -16.51
N ALA A 259 5.04 -7.13 -17.52
CA ALA A 259 4.21 -6.73 -18.65
C ALA A 259 3.78 -7.96 -19.43
N LYS A 260 4.69 -8.91 -19.60
CA LYS A 260 4.33 -10.15 -20.30
C LYS A 260 3.30 -10.94 -19.54
N ILE A 261 3.46 -11.07 -18.20
CA ILE A 261 2.50 -11.84 -17.38
C ILE A 261 1.10 -11.28 -17.49
N VAL A 262 0.97 -9.96 -17.39
CA VAL A 262 -0.36 -9.33 -17.39
C VAL A 262 -1.02 -9.19 -18.79
N THR A 263 -0.25 -9.29 -19.89
CA THR A 263 -0.78 -9.18 -21.25
C THR A 263 -0.96 -10.51 -21.97
N ASP A 264 -0.39 -11.62 -21.48
CA ASP A 264 -0.57 -12.93 -22.16
C ASP A 264 -2.01 -13.47 -22.10
N ASP B 7 -2.63 12.88 33.86
CA ASP B 7 -2.74 11.73 34.77
C ASP B 7 -2.65 10.43 33.98
N VAL B 8 -3.50 10.25 32.94
CA VAL B 8 -3.50 9.03 32.14
C VAL B 8 -2.14 8.78 31.46
N GLN B 9 -1.47 9.83 30.97
CA GLN B 9 -0.16 9.68 30.29
C GLN B 9 0.93 9.27 31.30
N GLN B 10 0.94 9.91 32.49
CA GLN B 10 1.90 9.58 33.56
C GLN B 10 1.72 8.14 34.04
N LYS B 11 0.48 7.70 34.19
CA LYS B 11 0.18 6.34 34.61
C LYS B 11 0.67 5.31 33.57
N LEU B 12 0.49 5.60 32.28
CA LEU B 12 0.97 4.68 31.23
C LEU B 12 2.50 4.69 31.20
N ALA B 13 3.11 5.88 31.37
CA ALA B 13 4.57 5.96 31.36
C ALA B 13 5.17 5.17 32.51
N GLU B 14 4.54 5.23 33.72
CA GLU B 14 5.00 4.51 34.89
C GLU B 14 4.77 3.03 34.70
N LEU B 15 3.61 2.64 34.12
CA LEU B 15 3.35 1.22 33.83
C LEU B 15 4.46 0.69 32.92
N GLU B 16 4.76 1.44 31.86
CA GLU B 16 5.77 1.00 30.92
C GLU B 16 7.11 0.97 31.57
N ARG B 17 7.44 2.00 32.35
CA ARG B 17 8.74 2.08 33.00
C ARG B 17 8.93 0.90 33.95
N GLN B 18 7.89 0.56 34.75
CA GLN B 18 7.96 -0.59 35.67
C GLN B 18 7.99 -1.95 34.99
N SER B 19 7.43 -2.05 33.77
CA SER B 19 7.37 -3.32 33.07
C SER B 19 8.67 -3.70 32.39
N GLY B 20 9.55 -2.73 32.16
CA GLY B 20 10.79 -2.97 31.45
C GLY B 20 10.62 -3.23 29.96
N GLY B 21 9.50 -2.79 29.39
CA GLY B 21 9.22 -2.95 27.97
C GLY B 21 8.79 -1.67 27.31
N ARG B 22 8.27 -1.82 26.10
CA ARG B 22 7.81 -0.73 25.24
C ARG B 22 6.32 -0.96 24.99
N LEU B 23 5.50 0.00 25.42
CA LEU B 23 4.05 -0.05 25.38
C LEU B 23 3.46 0.95 24.37
N GLY B 24 2.51 0.50 23.59
CA GLY B 24 1.80 1.31 22.61
C GLY B 24 0.30 1.24 22.88
N VAL B 25 -0.36 2.40 22.99
CA VAL B 25 -1.79 2.45 23.28
C VAL B 25 -2.51 3.46 22.41
N ALA B 26 -3.68 3.09 21.95
CA ALA B 26 -4.55 4.01 21.23
C ALA B 26 -5.97 3.68 21.64
N LEU B 27 -6.65 4.66 22.24
CA LEU B 27 -8.04 4.49 22.67
C LEU B 27 -8.81 5.55 21.90
N ILE B 28 -9.97 5.19 21.33
CA ILE B 28 -10.89 6.12 20.67
C ILE B 28 -12.19 5.97 21.45
N ASN B 29 -12.78 7.10 21.88
CA ASN B 29 -14.01 7.12 22.67
C ASN B 29 -15.13 7.73 21.83
N THR B 30 -16.14 6.92 21.46
CA THR B 30 -17.23 7.46 20.62
C THR B 30 -18.20 8.37 21.39
N ALA B 31 -18.12 8.44 22.73
CA ALA B 31 -19.00 9.35 23.49
C ALA B 31 -18.80 10.79 23.08
N ASP B 32 -17.54 11.16 22.86
CA ASP B 32 -17.15 12.52 22.51
C ASP B 32 -16.05 12.61 21.44
N ASN B 33 -15.69 11.50 20.76
CA ASN B 33 -14.65 11.44 19.70
C ASN B 33 -13.22 11.72 20.19
N SER B 34 -13.00 11.62 21.50
CA SER B 34 -11.68 11.86 22.09
C SER B 34 -10.81 10.62 21.92
N GLN B 35 -9.51 10.84 22.10
CA GLN B 35 -8.55 9.77 21.95
C GLN B 35 -7.50 9.88 23.04
N ILE B 36 -6.96 8.74 23.49
CA ILE B 36 -5.83 8.67 24.43
C ILE B 36 -4.75 7.93 23.62
N LEU B 37 -3.57 8.56 23.42
CA LEU B 37 -2.51 8.01 22.58
C LEU B 37 -1.23 7.90 23.38
N TYR B 38 -0.49 6.79 23.21
CA TYR B 38 0.80 6.60 23.87
C TYR B 38 1.67 5.78 22.92
N ARG B 39 2.75 6.40 22.37
CA ARG B 39 3.62 5.80 21.33
C ARG B 39 2.71 5.47 20.13
N ALA B 40 1.69 6.29 19.89
CA ALA B 40 0.69 5.93 18.86
C ALA B 40 1.15 5.88 17.42
N ASP B 41 2.29 6.48 17.09
CA ASP B 41 2.84 6.41 15.75
C ASP B 41 4.08 5.51 15.66
N GLU B 42 4.46 4.84 16.76
CA GLU B 42 5.57 3.88 16.72
C GLU B 42 5.11 2.56 16.15
N ARG B 43 6.00 1.83 15.48
CA ARG B 43 5.64 0.51 14.94
C ARG B 43 5.84 -0.58 15.96
N PHE B 44 4.93 -1.56 15.91
CA PHE B 44 4.95 -2.74 16.73
C PHE B 44 4.58 -3.93 15.89
N ALA B 45 5.21 -5.09 16.16
CA ALA B 45 4.88 -6.36 15.50
C ALA B 45 3.49 -6.79 15.98
N MET B 46 2.55 -6.94 15.02
CA MET B 46 1.16 -7.28 15.29
C MET B 46 0.95 -8.67 15.79
N CYS B 47 1.77 -9.62 15.34
CA CYS B 47 1.59 -11.04 15.65
C CYS B 47 0.15 -11.44 15.31
N SER B 48 -0.52 -12.28 16.11
CA SER B 48 -1.85 -12.79 15.74
C SER B 48 -2.96 -11.74 15.67
N THR B 49 -2.73 -10.50 16.15
CA THR B 49 -3.77 -9.47 16.03
C THR B 49 -4.02 -9.12 14.54
N SER B 50 -3.04 -9.44 13.64
CA SER B 50 -3.16 -9.25 12.20
C SER B 50 -4.30 -10.10 11.60
N LYS B 51 -4.74 -11.15 12.31
CA LYS B 51 -5.83 -12.03 11.85
C LYS B 51 -7.12 -11.26 11.60
N VAL B 52 -7.36 -10.16 12.33
CA VAL B 52 -8.56 -9.36 12.10
C VAL B 52 -8.56 -8.84 10.65
N MET B 53 -7.41 -8.29 10.21
CA MET B 53 -7.31 -7.75 8.85
C MET B 53 -7.47 -8.80 7.78
N ALA B 54 -7.00 -10.02 8.03
CA ALA B 54 -7.13 -11.10 7.03
C ALA B 54 -8.59 -11.57 6.95
N ALA B 55 -9.25 -11.75 8.10
CA ALA B 55 -10.66 -12.11 8.14
C ALA B 55 -11.52 -11.01 7.48
N ALA B 56 -11.23 -9.76 7.80
CA ALA B 56 -11.97 -8.63 7.21
C ALA B 56 -11.76 -8.55 5.69
N ALA B 57 -10.57 -8.88 5.18
CA ALA B 57 -10.30 -8.90 3.74
C ALA B 57 -11.21 -9.90 3.04
N VAL B 58 -11.39 -11.09 3.65
CA VAL B 58 -12.28 -12.12 3.13
C VAL B 58 -13.74 -11.64 3.21
N LEU B 59 -14.11 -10.97 4.31
CA LEU B 59 -15.46 -10.39 4.45
C LEU B 59 -15.72 -9.35 3.34
N LYS B 60 -14.74 -8.51 3.00
CA LYS B 60 -14.90 -7.52 1.92
C LYS B 60 -15.11 -8.25 0.58
N LYS B 61 -14.29 -9.27 0.33
CA LYS B 61 -14.43 -10.06 -0.92
C LYS B 61 -15.83 -10.70 -1.05
N SER B 62 -16.43 -11.10 0.09
CA SER B 62 -17.77 -11.67 0.11
C SER B 62 -18.91 -10.69 -0.25
N GLU B 63 -18.63 -9.39 -0.27
CA GLU B 63 -19.65 -8.39 -0.66
C GLU B 63 -19.98 -8.51 -2.15
N SER B 64 -19.02 -8.93 -2.97
CA SER B 64 -19.22 -9.13 -4.39
C SER B 64 -19.35 -10.64 -4.76
N GLU B 65 -19.23 -11.56 -3.76
CA GLU B 65 -19.38 -13.03 -3.91
C GLU B 65 -20.26 -13.52 -2.76
N PRO B 66 -21.60 -13.45 -2.89
CA PRO B 66 -22.48 -13.76 -1.75
C PRO B 66 -22.40 -15.12 -1.07
N ASN B 67 -21.91 -16.15 -1.76
CA ASN B 67 -21.77 -17.48 -1.13
C ASN B 67 -20.30 -17.78 -0.72
N LEU B 68 -19.41 -16.77 -0.72
CA LEU B 68 -17.98 -16.95 -0.41
C LEU B 68 -17.70 -17.59 0.94
N LEU B 69 -18.41 -17.17 2.00
CA LEU B 69 -18.16 -17.74 3.33
C LEU B 69 -18.46 -19.24 3.41
N ASN B 70 -19.34 -19.75 2.55
CA ASN B 70 -19.66 -21.18 2.50
C ASN B 70 -18.64 -22.02 1.72
N GLN B 71 -17.69 -21.38 1.00
CA GLN B 71 -16.70 -22.08 0.20
C GLN B 71 -15.81 -23.01 1.07
N ARG B 72 -15.64 -24.24 0.62
CA ARG B 72 -14.88 -25.25 1.32
C ARG B 72 -13.41 -25.06 0.98
N VAL B 73 -12.53 -25.24 1.97
CA VAL B 73 -11.07 -25.16 1.83
C VAL B 73 -10.50 -26.45 2.39
N GLU B 74 -9.62 -27.10 1.64
CA GLU B 74 -8.97 -28.34 2.05
C GLU B 74 -7.90 -28.13 3.11
N ILE B 75 -7.92 -28.97 4.16
CA ILE B 75 -6.92 -28.95 5.22
C ILE B 75 -6.08 -30.21 5.04
N LYS B 76 -4.78 -30.03 4.87
CA LYS B 76 -3.85 -31.14 4.66
C LYS B 76 -2.85 -31.22 5.81
N LYS B 77 -2.30 -32.41 6.07
CA LYS B 77 -1.28 -32.59 7.12
C LYS B 77 -0.13 -31.61 6.90
N SER B 78 0.23 -31.35 5.63
CA SER B 78 1.31 -30.43 5.29
C SER B 78 1.00 -28.98 5.68
N ASP B 79 -0.28 -28.62 5.86
CA ASP B 79 -0.67 -27.27 6.29
C ASP B 79 -0.40 -27.01 7.75
N LEU B 80 -0.31 -28.04 8.57
CA LEU B 80 -0.17 -27.85 10.02
C LEU B 80 1.14 -27.19 10.40
N VAL B 81 1.05 -26.23 11.33
CA VAL B 81 2.19 -25.46 11.82
C VAL B 81 2.24 -25.66 13.36
N ASN B 82 2.60 -24.59 14.10
CA ASN B 82 2.80 -24.58 15.57
C ASN B 82 1.61 -24.63 16.47
N TYR B 83 0.49 -24.13 15.99
CA TYR B 83 -0.67 -23.97 16.85
C TYR B 83 -1.91 -23.99 15.98
N ASN B 84 -2.59 -25.12 15.95
CA ASN B 84 -3.75 -25.30 15.07
C ASN B 84 -4.83 -26.12 15.79
N PRO B 85 -5.38 -25.54 16.87
CA PRO B 85 -6.38 -26.28 17.67
C PRO B 85 -7.64 -26.76 16.94
N ILE B 86 -8.06 -26.04 15.87
CA ILE B 86 -9.24 -26.40 15.10
C ILE B 86 -8.87 -27.14 13.85
N ALA B 87 -7.94 -26.58 13.06
CA ALA B 87 -7.55 -27.17 11.79
C ALA B 87 -7.04 -28.61 11.94
N GLU B 88 -6.38 -28.92 13.05
CA GLU B 88 -5.90 -30.29 13.27
C GLU B 88 -7.03 -31.33 13.36
N LYS B 89 -8.29 -30.89 13.58
CA LYS B 89 -9.44 -31.79 13.66
C LYS B 89 -10.14 -31.99 12.29
N HIS B 90 -9.63 -31.37 11.21
CA HIS B 90 -10.20 -31.48 9.86
C HIS B 90 -9.16 -31.90 8.80
N VAL B 91 -8.05 -32.55 9.23
CA VAL B 91 -7.01 -32.99 8.30
C VAL B 91 -7.60 -34.03 7.32
N ASN B 92 -7.34 -33.83 6.01
CA ASN B 92 -7.95 -34.64 4.93
C ASN B 92 -9.45 -34.40 4.79
N GLY B 93 -9.92 -33.30 5.37
CA GLY B 93 -11.29 -32.82 5.31
C GLY B 93 -11.28 -31.38 4.84
N THR B 94 -12.38 -30.66 5.04
CA THR B 94 -12.44 -29.26 4.64
C THR B 94 -13.01 -28.43 5.75
N MET B 95 -12.77 -27.14 5.68
CA MET B 95 -13.40 -26.14 6.52
C MET B 95 -13.91 -25.05 5.59
N SER B 96 -15.07 -24.45 5.92
CA SER B 96 -15.58 -23.30 5.18
C SER B 96 -14.75 -22.05 5.53
N LEU B 97 -14.81 -21.02 4.69
CA LEU B 97 -14.16 -19.74 4.95
C LEU B 97 -14.76 -19.08 6.21
N ALA B 98 -16.06 -19.32 6.52
CA ALA B 98 -16.64 -18.85 7.78
C ALA B 98 -15.98 -19.58 8.98
N GLU B 99 -15.83 -20.91 8.86
CA GLU B 99 -15.23 -21.74 9.90
C GLU B 99 -13.76 -21.38 10.15
N LEU B 100 -13.04 -21.12 9.08
CA LEU B 100 -11.66 -20.68 9.16
C LEU B 100 -11.57 -19.27 9.79
N SER B 101 -12.50 -18.38 9.44
CA SER B 101 -12.51 -17.04 10.03
C SER B 101 -12.75 -17.14 11.55
N ALA B 102 -13.78 -17.87 11.97
CA ALA B 102 -14.07 -18.05 13.39
C ALA B 102 -12.90 -18.70 14.13
N ALA B 103 -12.28 -19.73 13.53
CA ALA B 103 -11.17 -20.42 14.15
C ALA B 103 -9.97 -19.48 14.29
N ALA B 104 -9.65 -18.68 13.25
CA ALA B 104 -8.55 -17.72 13.31
C ALA B 104 -8.84 -16.67 14.38
N LEU B 105 -10.06 -16.14 14.42
CA LEU B 105 -10.39 -15.06 15.36
C LEU B 105 -10.67 -15.50 16.80
N GLN B 106 -11.28 -16.67 17.00
CA GLN B 106 -11.72 -17.13 18.32
C GLN B 106 -10.79 -18.05 19.06
N TYR B 107 -10.02 -18.81 18.32
CA TYR B 107 -9.02 -19.71 18.84
C TYR B 107 -7.58 -19.36 18.42
N SER B 108 -7.41 -18.40 17.54
CA SER B 108 -6.10 -18.05 17.01
C SER B 108 -5.36 -19.21 16.38
N ASP B 109 -6.12 -19.94 15.57
CA ASP B 109 -5.57 -21.04 14.81
C ASP B 109 -4.74 -20.52 13.64
N ASN B 110 -3.47 -20.92 13.62
CA ASN B 110 -2.56 -20.41 12.59
C ASN B 110 -2.75 -20.93 11.19
N VAL B 111 -3.23 -22.15 11.05
CA VAL B 111 -3.59 -22.71 9.74
C VAL B 111 -4.75 -21.93 9.18
N ALA B 112 -5.77 -21.62 10.01
CA ALA B 112 -6.92 -20.84 9.61
C ALA B 112 -6.47 -19.49 9.09
N MET B 113 -5.60 -18.80 9.82
CA MET B 113 -5.03 -17.54 9.33
C MET B 113 -4.36 -17.75 7.98
N ASN B 114 -3.48 -18.74 7.86
CA ASN B 114 -2.78 -19.00 6.60
C ASN B 114 -3.72 -19.28 5.44
N LYS B 115 -4.84 -19.98 5.69
CA LYS B 115 -5.82 -20.23 4.64
C LYS B 115 -6.54 -18.91 4.24
N LEU B 116 -6.83 -18.01 5.18
CA LEU B 116 -7.42 -16.71 4.85
C LEU B 116 -6.43 -15.91 4.03
N ILE B 117 -5.16 -15.85 4.45
CA ILE B 117 -4.12 -15.14 3.70
C ILE B 117 -4.04 -15.70 2.29
N ALA B 118 -3.97 -17.04 2.14
CA ALA B 118 -3.88 -17.65 0.80
C ALA B 118 -5.08 -17.37 -0.07
N HIS B 119 -6.29 -17.41 0.52
CA HIS B 119 -7.51 -17.18 -0.22
C HIS B 119 -7.53 -15.84 -0.95
N VAL B 120 -7.06 -14.78 -0.30
CA VAL B 120 -7.00 -13.44 -0.92
C VAL B 120 -5.74 -13.24 -1.80
N GLY B 121 -4.84 -14.23 -1.85
CA GLY B 121 -3.68 -14.19 -2.74
C GLY B 121 -2.32 -13.94 -2.11
N GLY B 122 -2.23 -13.92 -0.78
CA GLY B 122 -0.98 -13.74 -0.06
C GLY B 122 -0.93 -12.54 0.87
N PRO B 123 0.14 -12.44 1.68
CA PRO B 123 0.26 -11.27 2.60
C PRO B 123 0.08 -9.91 1.93
N ALA B 124 0.56 -9.73 0.68
CA ALA B 124 0.41 -8.46 -0.04
C ALA B 124 -1.03 -8.08 -0.27
N SER B 125 -1.94 -9.08 -0.39
CA SER B 125 -3.36 -8.84 -0.55
C SER B 125 -4.01 -8.37 0.74
N VAL B 126 -3.46 -8.75 1.90
CA VAL B 126 -3.96 -8.24 3.18
C VAL B 126 -3.51 -6.79 3.31
N THR B 127 -2.23 -6.48 2.98
CA THR B 127 -1.74 -5.12 2.97
C THR B 127 -2.60 -4.28 2.02
N ALA B 128 -2.97 -4.85 0.86
CA ALA B 128 -3.81 -4.15 -0.12
C ALA B 128 -5.15 -3.74 0.46
N PHE B 129 -5.80 -4.63 1.22
CA PHE B 129 -7.10 -4.34 1.82
C PHE B 129 -6.93 -3.18 2.80
N ALA B 130 -5.89 -3.22 3.63
CA ALA B 130 -5.56 -2.11 4.55
C ALA B 130 -5.39 -0.75 3.81
N ARG B 131 -4.61 -0.76 2.72
CA ARG B 131 -4.43 0.44 1.88
C ARG B 131 -5.77 0.98 1.31
N GLN B 132 -6.65 0.08 0.87
CA GLN B 132 -7.95 0.43 0.32
C GLN B 132 -8.85 1.10 1.37
N LEU B 133 -8.58 0.81 2.66
CA LEU B 133 -9.30 1.46 3.76
C LEU B 133 -8.63 2.76 4.20
N GLY B 134 -7.58 3.20 3.52
CA GLY B 134 -6.88 4.42 3.88
C GLY B 134 -5.81 4.23 4.93
N ASP B 135 -5.42 2.96 5.21
CA ASP B 135 -4.39 2.64 6.18
C ASP B 135 -3.08 2.39 5.43
N GLU B 136 -2.18 3.39 5.47
CA GLU B 136 -0.86 3.36 4.86
C GLU B 136 0.23 2.85 5.80
N THR B 137 -0.14 2.45 7.04
CA THR B 137 0.83 2.00 8.05
C THR B 137 0.95 0.49 8.14
N PHE B 138 -0.19 -0.19 8.20
CA PHE B 138 -0.25 -1.65 8.26
C PHE B 138 0.52 -2.30 7.12
N ARG B 139 1.28 -3.35 7.44
CA ARG B 139 1.91 -4.16 6.42
C ARG B 139 1.96 -5.60 6.90
N LEU B 140 1.53 -6.52 6.05
CA LEU B 140 1.64 -7.96 6.29
C LEU B 140 2.61 -8.50 5.24
N ASP B 141 3.65 -9.10 5.71
CA ASP B 141 4.76 -9.60 4.93
C ASP B 141 4.91 -11.10 4.92
N ARG B 142 4.53 -11.77 5.99
CA ARG B 142 4.74 -13.22 6.13
C ARG B 142 3.48 -13.93 6.59
N THR B 143 3.51 -15.27 6.58
CA THR B 143 2.42 -16.11 7.06
C THR B 143 2.73 -16.49 8.54
N GLU B 144 1.82 -17.20 9.17
CA GLU B 144 2.00 -17.65 10.55
C GLU B 144 2.84 -18.93 10.54
N PRO B 145 3.76 -19.16 11.50
CA PRO B 145 4.09 -18.33 12.66
C PRO B 145 5.24 -17.35 12.46
N THR B 146 5.92 -17.34 11.30
CA THR B 146 7.10 -16.44 11.14
C THR B 146 6.76 -14.96 11.20
N LEU B 147 5.51 -14.58 10.96
CA LEU B 147 5.10 -13.17 11.09
C LEU B 147 5.18 -12.67 12.55
N ASN B 148 5.31 -13.57 13.55
CA ASN B 148 5.39 -13.21 14.97
C ASN B 148 6.83 -13.08 15.50
N THR B 149 7.86 -13.10 14.67
CA THR B 149 9.24 -13.03 15.19
C THR B 149 9.50 -11.79 16.03
N ALA B 150 8.91 -10.64 15.63
CA ALA B 150 8.93 -9.38 16.40
C ALA B 150 10.32 -8.91 16.78
N ILE B 151 11.25 -8.99 15.83
CA ILE B 151 12.62 -8.55 16.06
C ILE B 151 12.65 -6.99 16.12
N PRO B 152 13.23 -6.38 17.18
CA PRO B 152 13.28 -4.90 17.24
C PRO B 152 13.95 -4.29 16.00
N GLY B 153 13.32 -3.26 15.46
CA GLY B 153 13.81 -2.59 14.27
C GLY B 153 13.35 -3.22 12.95
N ASP B 154 12.77 -4.43 12.97
CA ASP B 154 12.29 -5.10 11.78
C ASP B 154 10.88 -4.58 11.49
N PRO B 155 10.66 -3.90 10.36
CA PRO B 155 9.32 -3.37 10.08
C PRO B 155 8.34 -4.38 9.52
N ARG B 156 8.80 -5.60 9.17
CA ARG B 156 7.87 -6.59 8.64
C ARG B 156 6.73 -6.90 9.64
N ASP B 157 5.49 -7.05 9.13
CA ASP B 157 4.35 -7.46 9.93
C ASP B 157 4.05 -6.52 11.11
N THR B 158 4.18 -5.21 10.88
CA THR B 158 3.95 -4.22 11.91
C THR B 158 2.86 -3.24 11.52
N THR B 159 2.42 -2.51 12.54
CA THR B 159 1.56 -1.36 12.38
C THR B 159 1.77 -0.48 13.60
N SER B 160 1.07 0.64 13.65
CA SER B 160 1.10 1.53 14.81
C SER B 160 -0.21 1.47 15.60
N PRO B 161 -0.21 1.87 16.88
CA PRO B 161 -1.47 1.86 17.62
C PRO B 161 -2.52 2.80 17.00
N ARG B 162 -2.09 3.98 16.55
CA ARG B 162 -3.02 4.94 15.94
C ARG B 162 -3.68 4.34 14.70
N ALA B 163 -2.87 3.74 13.82
CA ALA B 163 -3.37 3.20 12.57
C ALA B 163 -4.33 2.07 12.82
N MET B 164 -3.97 1.15 13.74
CA MET B 164 -4.84 -0.01 13.97
C MET B 164 -6.11 0.40 14.69
N ALA B 165 -6.07 1.41 15.56
CA ALA B 165 -7.29 1.84 16.24
C ALA B 165 -8.24 2.52 15.25
N GLN B 166 -7.70 3.32 14.34
CA GLN B 166 -8.52 3.96 13.28
C GLN B 166 -9.15 2.92 12.36
N THR B 167 -8.34 1.95 11.93
CA THR B 167 -8.82 0.87 11.07
C THR B 167 -9.78 -0.04 11.80
N LEU B 168 -9.51 -0.41 13.06
CA LEU B 168 -10.44 -1.29 13.78
C LEU B 168 -11.80 -0.59 13.98
N ARG B 169 -11.87 0.68 14.20
CA ARG B 169 -13.05 1.53 14.24
C ARG B 169 -13.90 1.41 12.97
N ASN B 170 -13.04 1.74 11.90
CA ASN B 170 -13.69 1.69 10.58
C ASN B 170 -14.30 0.32 10.27
N LEU B 171 -13.61 -0.75 10.64
CA LEU B 171 -14.10 -2.10 10.40
C LEU B 171 -15.28 -2.50 11.23
N THR B 172 -15.22 -2.23 12.54
CA THR B 172 -16.28 -2.71 13.47
C THR B 172 -17.47 -1.75 13.70
N LEU B 173 -17.22 -0.45 13.61
CA LEU B 173 -18.24 0.60 13.84
C LEU B 173 -18.58 1.43 12.58
N GLY B 174 -17.59 1.63 11.71
CA GLY B 174 -17.73 2.42 10.50
C GLY B 174 -18.19 1.66 9.29
N LYS B 175 -17.90 2.24 8.11
CA LYS B 175 -18.38 1.75 6.81
C LYS B 175 -17.32 1.10 5.93
N ALA B 176 -16.24 0.57 6.52
CA ALA B 176 -15.22 -0.16 5.75
C ALA B 176 -15.77 -1.40 5.12
N LEU B 177 -16.67 -2.09 5.82
CA LEU B 177 -17.38 -3.27 5.34
C LEU B 177 -18.86 -2.95 5.17
N GLY B 178 -19.54 -3.80 4.42
CA GLY B 178 -21.00 -3.77 4.30
C GLY B 178 -21.58 -4.05 5.67
N ASP B 179 -22.81 -3.59 5.97
CA ASP B 179 -23.31 -3.79 7.33
C ASP B 179 -23.38 -5.27 7.79
N SER B 180 -23.80 -6.20 6.94
CA SER B 180 -23.86 -7.63 7.27
C SER B 180 -22.44 -8.18 7.65
N GLN B 181 -21.46 -7.79 6.86
CA GLN B 181 -20.07 -8.21 7.05
C GLN B 181 -19.48 -7.61 8.34
N ARG B 182 -19.75 -6.33 8.58
CA ARG B 182 -19.33 -5.62 9.80
C ARG B 182 -19.91 -6.34 11.02
N ALA B 183 -21.20 -6.65 10.97
CA ALA B 183 -21.84 -7.35 12.07
C ALA B 183 -21.21 -8.74 12.29
N GLN B 184 -20.87 -9.45 11.19
CA GLN B 184 -20.26 -10.77 11.29
C GLN B 184 -18.89 -10.64 11.99
N LEU B 185 -18.12 -9.62 11.61
CA LEU B 185 -16.79 -9.41 12.20
C LEU B 185 -16.91 -9.18 13.71
N VAL B 186 -17.85 -8.34 14.14
CA VAL B 186 -18.08 -8.08 15.57
C VAL B 186 -18.53 -9.35 16.30
N THR B 187 -19.45 -10.12 15.70
CA THR B 187 -19.92 -11.39 16.28
C THR B 187 -18.72 -12.32 16.52
N TRP B 188 -17.89 -12.50 15.51
CA TRP B 188 -16.71 -13.35 15.66
C TRP B 188 -15.79 -12.85 16.80
N MET B 189 -15.49 -11.55 16.81
CA MET B 189 -14.60 -10.99 17.85
C MET B 189 -15.18 -11.11 19.26
N LYS B 190 -16.49 -10.94 19.42
CA LYS B 190 -17.12 -11.11 20.74
C LYS B 190 -17.07 -12.57 21.25
N GLY B 191 -16.99 -13.55 20.33
CA GLY B 191 -16.88 -14.95 20.67
C GLY B 191 -15.44 -15.41 20.90
N ASN B 192 -14.48 -14.46 20.98
CA ASN B 192 -13.11 -14.84 21.22
C ASN B 192 -12.96 -15.60 22.52
N THR B 193 -12.15 -16.69 22.52
CA THR B 193 -11.86 -17.48 23.74
C THR B 193 -10.46 -17.24 24.36
N THR B 194 -9.59 -16.49 23.69
CA THR B 194 -8.20 -16.32 24.12
C THR B 194 -7.93 -15.02 24.89
N GLY B 195 -8.92 -14.19 25.11
CA GLY B 195 -8.67 -12.84 25.62
C GLY B 195 -8.90 -12.53 27.07
N ALA B 196 -9.31 -13.51 27.86
CA ALA B 196 -9.68 -13.27 29.23
C ALA B 196 -8.62 -12.61 30.11
N ALA B 197 -7.33 -12.88 29.87
CA ALA B 197 -6.24 -12.33 30.69
C ALA B 197 -5.64 -11.04 30.15
N SER B 198 -6.14 -10.51 29.01
CA SER B 198 -5.55 -9.32 28.39
C SER B 198 -6.46 -8.11 28.60
N ILE B 199 -6.87 -7.36 27.56
CA ILE B 199 -7.73 -6.17 27.77
C ILE B 199 -8.92 -6.47 28.71
N GLN B 200 -9.64 -7.60 28.48
CA GLN B 200 -10.81 -7.97 29.28
C GLN B 200 -10.51 -8.02 30.77
N ALA B 201 -9.27 -8.46 31.20
CA ALA B 201 -8.96 -8.56 32.64
C ALA B 201 -8.86 -7.20 33.34
N GLY B 202 -8.71 -6.13 32.57
CA GLY B 202 -8.69 -4.77 33.08
C GLY B 202 -10.02 -4.07 33.08
N LEU B 203 -11.10 -4.76 32.62
CA LEU B 203 -12.40 -4.14 32.52
C LEU B 203 -13.45 -4.89 33.32
N PRO B 204 -14.51 -4.21 33.75
CA PRO B 204 -15.60 -4.90 34.47
C PRO B 204 -16.23 -6.00 33.61
N ALA B 205 -16.58 -7.13 34.25
CA ALA B 205 -17.20 -8.28 33.58
C ALA B 205 -18.52 -7.92 32.88
N SER B 206 -19.20 -6.87 33.33
CA SER B 206 -20.47 -6.43 32.73
C SER B 206 -20.33 -5.83 31.33
N TRP B 207 -19.13 -5.41 30.96
CA TRP B 207 -18.86 -4.82 29.65
C TRP B 207 -18.84 -5.89 28.55
N VAL B 208 -19.19 -5.49 27.33
CA VAL B 208 -19.20 -6.39 26.18
C VAL B 208 -17.93 -6.09 25.41
N VAL B 209 -17.11 -7.10 25.17
CA VAL B 209 -15.83 -6.92 24.53
C VAL B 209 -15.67 -7.88 23.38
N GLY B 210 -15.20 -7.36 22.27
CA GLY B 210 -14.76 -8.15 21.13
C GLY B 210 -13.29 -7.87 20.94
N ASP B 211 -12.45 -8.87 21.08
CA ASP B 211 -11.02 -8.67 20.97
C ASP B 211 -10.28 -9.74 20.16
N LYS B 212 -9.07 -9.39 19.79
CA LYS B 212 -8.12 -10.32 19.19
C LYS B 212 -6.77 -10.12 19.83
N THR B 213 -6.23 -11.18 20.44
CA THR B 213 -4.91 -11.21 21.06
C THR B 213 -3.81 -11.62 20.07
N GLY B 214 -2.58 -11.54 20.53
CA GLY B 214 -1.43 -12.04 19.81
C GLY B 214 -0.18 -11.98 20.66
N SER B 215 0.78 -12.84 20.32
CA SER B 215 2.08 -12.86 21.03
C SER B 215 3.17 -13.35 20.11
N GLY B 216 4.40 -13.08 20.48
CA GLY B 216 5.53 -13.48 19.64
C GLY B 216 6.85 -13.33 20.33
N GLY B 217 7.92 -13.26 19.53
CA GLY B 217 9.25 -13.14 20.10
C GLY B 217 9.42 -11.84 20.84
N TYR B 218 10.52 -11.73 21.60
CA TYR B 218 10.80 -10.58 22.43
C TYR B 218 9.67 -10.25 23.45
N GLY B 219 9.00 -11.30 23.97
CA GLY B 219 7.91 -11.18 24.91
C GLY B 219 6.78 -10.31 24.42
N THR B 220 6.62 -10.22 23.09
CA THR B 220 5.57 -9.40 22.48
C THR B 220 4.23 -9.92 22.88
N THR B 221 3.37 -9.01 23.39
CA THR B 221 2.05 -9.34 23.93
C THR B 221 1.09 -8.22 23.49
N ASN B 222 0.07 -8.57 22.70
CA ASN B 222 -0.84 -7.59 22.09
C ASN B 222 -2.30 -7.95 22.24
N ASP B 223 -3.15 -6.95 22.06
CA ASP B 223 -4.60 -7.13 22.05
C ASP B 223 -5.24 -5.90 21.45
N ILE B 224 -6.25 -6.13 20.60
CA ILE B 224 -7.04 -5.08 19.94
C ILE B 224 -8.50 -5.36 20.20
N ALA B 225 -9.28 -4.33 20.56
CA ALA B 225 -10.67 -4.54 20.93
C ALA B 225 -11.62 -3.46 20.58
N VAL B 226 -12.88 -3.86 20.42
CA VAL B 226 -14.06 -3.01 20.34
C VAL B 226 -14.83 -3.38 21.58
N ILE B 227 -15.27 -2.36 22.30
CA ILE B 227 -15.83 -2.49 23.65
C ILE B 227 -17.09 -1.70 23.80
N TRP B 228 -18.12 -2.28 24.43
CA TRP B 228 -19.38 -1.59 24.75
C TRP B 228 -19.48 -1.56 26.26
N PRO B 229 -19.01 -0.48 26.90
CA PRO B 229 -19.12 -0.41 28.36
C PRO B 229 -20.56 -0.39 28.84
N LYS B 230 -20.80 -0.90 30.05
CA LYS B 230 -22.09 -0.82 30.68
C LYS B 230 -22.22 0.67 30.98
N ASP B 231 -23.25 1.29 30.46
CA ASP B 231 -23.54 2.69 30.72
C ASP B 231 -22.51 3.71 30.20
N ARG B 232 -21.84 3.38 29.06
CA ARG B 232 -20.98 4.32 28.33
C ARG B 232 -21.04 3.96 26.82
N ALA B 233 -20.75 4.95 25.94
CA ALA B 233 -20.74 4.73 24.47
C ALA B 233 -19.51 3.84 24.10
N PRO B 234 -19.48 3.15 22.94
CA PRO B 234 -18.36 2.25 22.67
C PRO B 234 -17.00 2.88 22.52
N LEU B 235 -16.00 2.04 22.74
CA LEU B 235 -14.61 2.40 22.68
C LEU B 235 -13.88 1.47 21.73
N ILE B 236 -12.80 1.95 21.14
CA ILE B 236 -11.86 1.14 20.40
C ILE B 236 -10.56 1.23 21.19
N LEU B 237 -9.95 0.07 21.47
CA LEU B 237 -8.70 0.04 22.23
C LEU B 237 -7.66 -0.90 21.62
N VAL B 238 -6.45 -0.36 21.36
CA VAL B 238 -5.29 -1.13 20.87
C VAL B 238 -4.20 -1.07 21.94
N THR B 239 -3.68 -2.22 22.40
CA THR B 239 -2.58 -2.26 23.37
C THR B 239 -1.51 -3.18 22.82
N TYR B 240 -0.33 -2.63 22.49
CA TYR B 240 0.79 -3.43 22.03
C TYR B 240 1.89 -3.34 23.06
N PHE B 241 2.63 -4.43 23.30
CA PHE B 241 3.71 -4.45 24.29
C PHE B 241 4.83 -5.34 23.81
N THR B 242 6.07 -4.90 23.95
CA THR B 242 7.21 -5.70 23.52
C THR B 242 8.37 -5.43 24.45
N GLN B 243 9.30 -6.42 24.54
CA GLN B 243 10.39 -6.36 25.49
C GLN B 243 11.76 -6.47 24.83
N PRO B 244 12.82 -6.12 25.56
CA PRO B 244 14.17 -6.10 24.94
C PRO B 244 14.86 -7.45 24.71
N GLN B 245 14.49 -8.49 25.50
CA GLN B 245 15.17 -9.79 25.44
C GLN B 245 14.42 -10.77 24.53
N PRO B 246 15.12 -11.51 23.62
CA PRO B 246 14.42 -12.39 22.67
C PRO B 246 13.43 -13.39 23.21
N LYS B 247 13.73 -14.01 24.35
CA LYS B 247 12.89 -15.06 24.90
C LYS B 247 12.17 -14.59 26.15
N ALA B 248 11.93 -13.27 26.27
CA ALA B 248 11.17 -12.73 27.40
C ALA B 248 9.77 -13.37 27.47
N GLU B 249 9.22 -13.56 28.65
CA GLU B 249 7.89 -14.13 28.79
C GLU B 249 6.83 -13.07 28.54
N SER B 250 5.67 -13.51 28.11
CA SER B 250 4.55 -12.61 27.77
C SER B 250 4.02 -11.87 29.01
N ARG B 251 3.46 -10.67 28.80
CA ARG B 251 2.93 -9.84 29.88
C ARG B 251 1.50 -9.43 29.55
N ARG B 252 0.59 -10.38 29.59
CA ARG B 252 -0.84 -10.09 29.38
C ARG B 252 -1.36 -9.11 30.45
N ASP B 253 -0.86 -9.26 31.69
CA ASP B 253 -1.22 -8.38 32.82
C ASP B 253 -0.91 -6.89 32.52
N VAL B 254 0.16 -6.60 31.73
CA VAL B 254 0.51 -5.23 31.36
C VAL B 254 -0.60 -4.65 30.46
N LEU B 255 -1.19 -5.48 29.57
CA LEU B 255 -2.30 -5.03 28.73
C LEU B 255 -3.54 -4.80 29.57
N ALA B 256 -3.82 -5.70 30.54
CA ALA B 256 -4.94 -5.50 31.46
C ALA B 256 -4.78 -4.17 32.24
N SER B 257 -3.57 -3.92 32.76
CA SER B 257 -3.30 -2.67 33.49
C SER B 257 -3.49 -1.43 32.61
N ALA B 258 -3.04 -1.47 31.34
CA ALA B 258 -3.22 -0.35 30.40
C ALA B 258 -4.70 -0.07 30.17
N ALA B 259 -5.49 -1.13 29.97
CA ALA B 259 -6.92 -1.03 29.76
C ALA B 259 -7.62 -0.40 30.94
N LYS B 260 -7.23 -0.78 32.16
CA LYS B 260 -7.78 -0.19 33.38
C LYS B 260 -7.46 1.30 33.47
N ILE B 261 -6.19 1.66 33.23
CA ILE B 261 -5.77 3.07 33.26
C ILE B 261 -6.56 3.94 32.30
N VAL B 262 -6.64 3.54 31.02
CA VAL B 262 -7.31 4.32 29.97
C VAL B 262 -8.84 4.33 30.06
N THR B 263 -9.44 3.42 30.83
CA THR B 263 -10.87 3.40 31.04
C THR B 263 -11.28 4.02 32.38
N ASP B 264 -10.32 4.43 33.22
CA ASP B 264 -10.59 5.17 34.47
C ASP B 264 -10.04 6.60 34.36
OAL 5VR C . 15.38 5.91 -16.34
SAI 5VR C . 15.15 6.57 -17.43
OAJ 5VR C . 13.85 7.09 -17.52
OAK 5VR C . 15.60 5.92 -18.56
OAH 5VR C . 16.09 8.02 -17.36
NAG 5VR C . 15.86 8.84 -16.51
CAE 5VR C . 16.94 9.68 -16.05
CAF 5VR C . 18.01 8.88 -15.35
CB 5VR C . 17.46 8.15 -14.14
CAD 5VR C . 16.45 10.70 -15.02
N 5VR C . 15.89 9.90 -13.95
CAM 5VR C . 14.45 9.66 -13.78
OAN 5VR C . 14.20 8.66 -13.21
CA 5VR C . 16.85 9.10 -13.20
C 5VR C . 17.94 9.87 -12.48
O 5VR C . 18.09 11.05 -12.55
NAQ 5VR C . 18.71 9.08 -11.73
NAR 5VR C . 19.81 9.51 -11.01
CAS 5VR C . 19.69 10.18 -9.86
OAU 5VR C . 18.64 10.45 -9.38
CAT 5VR C . 20.99 10.58 -9.22
HAG 5VR C . 15.04 9.36 -16.78
HAE 5VR C . 17.39 10.16 -16.91
HB4 5VR C . 18.52 8.19 -16.02
HAF 5VR C . 18.79 9.55 -15.00
HB2 5VR C . 18.22 7.55 -13.65
HB1 5VR C . 16.72 7.44 -14.46
HAD 5VR C . 17.26 11.31 -14.67
HB3 5VR C . 15.72 11.39 -15.42
HA 5VR C . 16.34 8.50 -12.45
HAQ 5VR C . 18.54 8.08 -11.64
HAR 5VR C . 20.69 9.28 -11.45
HAT 5VR C . 21.58 11.18 -9.91
HB6 5VR C . 20.87 11.14 -8.30
HB5 5VR C . 21.58 9.70 -8.98
OAL 5VR D . -3.79 -15.99 22.31
SAI 5VR D . -3.03 -15.62 21.28
OAJ 5VR D . -1.81 -15.17 21.77
OAK 5VR D . -3.60 -14.69 20.44
OAH 5VR D . -2.75 -16.99 20.39
NAG 5VR D . -2.27 -16.75 19.25
CAE 5VR D . -1.43 -17.90 18.75
CAF 5VR D . -0.33 -18.23 19.73
CB 5VR D . 0.68 -17.09 19.80
CAD 5VR D . -0.83 -17.64 17.38
N 5VR D . -0.02 -16.47 17.58
CAM 5VR D . -0.42 -15.16 17.25
OAN 5VR D . 0.07 -14.29 17.83
CA 5VR D . 1.16 -16.70 18.40
C 5VR D . 2.17 -17.75 17.92
O 5VR D . 1.95 -18.46 16.99
NAQ 5VR D . 3.33 -17.79 18.60
NAR 5VR D . 4.35 -18.67 18.34
CAS 5VR D . 5.29 -18.46 17.41
OAU 5VR D . 5.28 -17.52 16.69
CAT 5VR D . 6.34 -19.53 17.31
HAG 5VR D . -3.05 -16.55 18.65
HAE 5VR D . -2.08 -18.77 18.66
HB4 5VR D . -0.71 -18.47 20.72
HAF 5VR D . 0.19 -19.12 19.40
HB2 5VR D . 1.49 -17.34 20.48
HB1 5VR D . 0.20 -16.23 20.26
HAD 5VR D . -0.32 -18.51 17.00
HB3 5VR D . -1.59 -17.42 16.64
HA 5VR D . 1.70 -15.75 18.50
HAQ 5VR D . 3.56 -17.14 19.34
HAR 5VR D . 4.30 -19.49 18.93
HAT 5VR D . 6.66 -19.84 18.30
HB6 5VR D . 6.02 -20.42 16.77
HB5 5VR D . 7.21 -19.14 16.79
#